data_4REV
#
_entry.id   4REV
#
_cell.length_a   88.416
_cell.length_b   88.416
_cell.length_c   196.767
_cell.angle_alpha   90.00
_cell.angle_beta   90.00
_cell.angle_gamma   120.00
#
_symmetry.space_group_name_H-M   'H 3 2'
#
loop_
_entity.id
_entity.type
_entity.pdbx_description
1 polymer 'Disease resistance response protein 206'
2 non-polymer GLYCEROL
3 non-polymer '2,3-DIMETHYLIMIDAZOLIUM ION'
4 non-polymer 'CHLORIDE ION'
5 water water
#
_entity_poly.entity_id   1
_entity_poly.type   'polypeptide(L)'
_entity_poly.pdbx_seq_one_letter_code
;IPNKRKPYKPCKNLVFYFHDILYNGKNAANATSAIVAAPEGVSLTKLAPQSHFGNIIVFDDPITLSHSLSSKQVGRAQGF
YIYDTKNTYTSWLSFTFVLNSTHHQGTITFAGADPIVAKTRDISVTGGTGDFFMHRGIATITTDAFEGEAYFRLGVYIKF
FECW
;
_entity_poly.pdbx_strand_id   A,B
#
# COMPACT_ATOMS: atom_id res chain seq x y z
N TYR A 8 21.64 30.02 1.08
CA TYR A 8 20.35 30.67 0.85
C TYR A 8 19.24 30.01 1.66
N LYS A 9 18.28 30.82 2.13
CA LYS A 9 17.10 30.28 2.78
C LYS A 9 15.91 30.29 1.81
N PRO A 10 15.23 29.16 1.68
CA PRO A 10 14.09 28.98 0.77
C PRO A 10 12.89 29.86 1.12
N CYS A 11 12.21 30.39 0.11
CA CYS A 11 11.01 31.20 0.34
C CYS A 11 9.77 30.36 0.60
N LYS A 12 9.93 29.04 0.48
CA LYS A 12 8.84 28.12 0.74
C LYS A 12 9.43 26.71 0.84
N ASN A 13 9.01 25.97 1.87
CA ASN A 13 9.42 24.59 2.12
C ASN A 13 8.21 23.65 2.13
N LEU A 14 8.29 22.54 1.39
CA LEU A 14 7.21 21.57 1.45
C LEU A 14 7.78 20.16 1.60
N VAL A 15 7.04 19.33 2.33
CA VAL A 15 7.42 17.95 2.55
C VAL A 15 6.25 17.04 2.19
N PHE A 16 6.49 16.05 1.33
CA PHE A 16 5.48 15.07 0.94
C PHE A 16 6.11 13.70 0.93
N TYR A 17 5.27 12.65 1.02
CA TYR A 17 5.73 11.28 0.80
C TYR A 17 4.94 10.66 -0.33
N PHE A 18 5.59 9.90 -1.21
CA PHE A 18 4.80 9.08 -2.12
C PHE A 18 5.28 7.64 -2.15
N HIS A 19 4.37 6.77 -2.58
CA HIS A 19 4.47 5.35 -2.30
C HIS A 19 4.44 4.57 -3.60
N ASP A 20 5.51 3.82 -3.84
CA ASP A 20 5.67 3.16 -5.11
C ASP A 20 5.78 1.67 -4.89
N ILE A 21 5.20 0.89 -5.79
CA ILE A 21 5.28 -0.56 -5.65
C ILE A 21 5.87 -1.11 -6.94
N LEU A 22 7.03 -1.73 -6.83
CA LEU A 22 7.74 -2.25 -7.97
C LEU A 22 7.01 -3.33 -8.74
N TYR A 23 7.09 -4.56 -8.25
CA TYR A 23 6.55 -5.71 -8.94
C TYR A 23 7.48 -6.90 -8.84
N THR A 45 37.85 7.65 -20.56
CA THR A 45 38.17 7.53 -19.14
C THR A 45 37.18 6.75 -18.30
N LYS A 46 37.71 6.19 -17.20
CA LYS A 46 37.06 5.22 -16.30
C LYS A 46 36.24 4.32 -17.25
N LEU A 47 34.96 4.14 -16.98
CA LEU A 47 34.04 3.39 -17.79
C LEU A 47 33.92 4.01 -19.19
N ALA A 48 33.92 3.16 -20.22
CA ALA A 48 33.74 3.59 -21.59
C ALA A 48 32.30 4.12 -21.76
N PRO A 49 32.00 4.80 -22.89
CA PRO A 49 30.62 5.24 -23.17
C PRO A 49 29.72 4.05 -23.18
N GLN A 50 28.51 4.19 -22.71
CA GLN A 50 27.81 2.97 -22.51
C GLN A 50 26.41 3.34 -23.05
N SER A 51 25.80 2.60 -23.97
CA SER A 51 24.37 2.84 -24.29
C SER A 51 23.65 1.55 -24.13
N HIS A 52 22.34 1.56 -23.99
CA HIS A 52 21.50 0.37 -24.28
C HIS A 52 20.10 0.77 -24.70
N PHE A 53 19.33 -0.20 -25.21
CA PHE A 53 17.91 0.01 -25.36
C PHE A 53 17.28 0.09 -23.97
N GLY A 54 16.28 0.94 -23.83
CA GLY A 54 15.65 1.14 -22.54
C GLY A 54 14.21 0.70 -22.55
N ASN A 55 13.68 0.41 -21.37
CA ASN A 55 12.25 0.23 -21.23
C ASN A 55 11.75 1.20 -20.18
N ILE A 56 10.57 1.74 -20.43
CA ILE A 56 10.02 2.76 -19.56
C ILE A 56 9.07 2.10 -18.59
N ILE A 57 9.19 2.49 -17.33
CA ILE A 57 8.17 2.14 -16.36
C ILE A 57 7.40 3.40 -16.01
N VAL A 58 6.08 3.34 -16.13
CA VAL A 58 5.27 4.50 -15.76
C VAL A 58 4.59 4.23 -14.44
N PHE A 59 4.53 5.26 -13.60
CA PHE A 59 3.92 5.09 -12.28
C PHE A 59 2.90 6.20 -11.98
N ASP A 60 1.94 5.86 -11.12
CA ASP A 60 0.91 6.79 -10.66
C ASP A 60 0.71 6.48 -9.20
N ASP A 61 1.32 7.27 -8.33
CA ASP A 61 1.44 6.91 -6.92
C ASP A 61 0.77 7.93 -6.01
N PRO A 62 0.14 7.45 -4.93
CA PRO A 62 -0.45 8.39 -3.98
C PRO A 62 0.62 9.21 -3.25
N ILE A 63 0.35 10.51 -3.12
CA ILE A 63 1.12 11.39 -2.26
C ILE A 63 0.41 11.62 -0.93
N THR A 64 1.11 11.42 0.18
CA THR A 64 0.52 11.62 1.49
C THR A 64 1.25 12.71 2.29
N LEU A 65 0.59 13.23 3.32
CA LEU A 65 1.18 14.26 4.19
C LEU A 65 2.27 13.67 5.08
N SER A 66 2.06 12.45 5.53
CA SER A 66 3.02 11.82 6.42
C SER A 66 3.44 10.45 5.90
N HIS A 67 4.16 9.72 6.74
CA HIS A 67 4.83 8.50 6.30
C HIS A 67 3.87 7.38 5.90
N SER A 68 2.81 7.18 6.68
CA SER A 68 1.91 6.07 6.43
C SER A 68 1.10 6.24 5.15
N LEU A 69 0.93 5.14 4.44
CA LEU A 69 0.13 5.08 3.22
C LEU A 69 -1.33 5.45 3.48
N SER A 70 -1.78 5.29 4.71
CA SER A 70 -3.20 5.52 4.99
C SER A 70 -3.42 6.91 5.60
N SER A 71 -2.39 7.76 5.55
CA SER A 71 -2.54 9.15 5.99
C SER A 71 -3.15 9.94 4.85
N LYS A 72 -3.59 11.18 5.10
CA LYS A 72 -4.36 11.93 4.11
C LYS A 72 -3.58 12.05 2.80
N GLN A 73 -4.21 11.69 1.70
CA GLN A 73 -3.61 11.89 0.40
C GLN A 73 -3.88 13.29 -0.13
N VAL A 74 -2.85 13.88 -0.72
CA VAL A 74 -2.93 15.26 -1.15
C VAL A 74 -2.73 15.37 -2.67
N GLY A 75 -2.50 14.24 -3.33
CA GLY A 75 -2.34 14.23 -4.78
C GLY A 75 -1.76 12.91 -5.28
N ARG A 76 -1.30 12.92 -6.53
CA ARG A 76 -0.68 11.77 -7.16
C ARG A 76 0.68 12.15 -7.74
N ALA A 77 1.64 11.26 -7.58
CA ALA A 77 2.94 11.41 -8.25
C ALA A 77 2.87 10.63 -9.54
N GLN A 78 3.02 11.32 -10.66
CA GLN A 78 2.87 10.65 -11.95
C GLN A 78 4.06 10.97 -12.82
N GLY A 79 4.73 9.93 -13.31
CA GLY A 79 5.87 10.13 -14.18
C GLY A 79 6.41 8.82 -14.70
N PHE A 80 7.71 8.80 -14.98
CA PHE A 80 8.30 7.56 -15.49
C PHE A 80 9.75 7.46 -15.09
N TYR A 81 10.26 6.24 -15.15
CA TYR A 81 11.70 6.02 -15.10
C TYR A 81 12.04 4.87 -16.04
N ILE A 82 13.32 4.54 -16.08
CA ILE A 82 13.84 3.63 -17.09
C ILE A 82 14.53 2.43 -16.47
N TYR A 83 14.33 1.26 -17.05
CA TYR A 83 15.24 0.15 -16.78
C TYR A 83 16.14 -0.07 -17.98
N ASP A 84 17.39 -0.44 -17.72
CA ASP A 84 18.38 -0.70 -18.77
C ASP A 84 18.27 -2.20 -19.06
N THR A 85 19.28 -2.97 -18.67
CA THR A 85 19.18 -4.39 -18.32
C THR A 85 20.23 -4.65 -17.26
N THR A 90 20.05 4.30 -15.82
CA THR A 90 18.71 4.36 -15.27
C THR A 90 18.65 5.14 -13.98
N SER A 91 19.52 6.14 -13.89
CA SER A 91 19.38 7.11 -12.83
C SER A 91 18.34 8.13 -13.25
N TRP A 92 17.76 7.96 -14.44
CA TRP A 92 16.83 8.96 -14.98
C TRP A 92 15.42 8.91 -14.42
N LEU A 93 14.92 10.09 -14.04
CA LEU A 93 13.62 10.20 -13.41
C LEU A 93 12.94 11.46 -13.94
N SER A 94 11.68 11.34 -14.35
CA SER A 94 10.86 12.50 -14.68
C SER A 94 9.52 12.31 -14.01
N PHE A 95 9.10 13.26 -13.20
CA PHE A 95 7.77 13.13 -12.62
C PHE A 95 7.18 14.46 -12.18
N THR A 96 5.87 14.43 -11.98
CA THR A 96 5.08 15.59 -11.61
C THR A 96 4.28 15.23 -10.35
N PHE A 97 4.37 16.07 -9.33
CA PHE A 97 3.45 16.00 -8.21
C PHE A 97 2.17 16.73 -8.65
N VAL A 98 1.07 15.99 -8.81
CA VAL A 98 -0.20 16.60 -9.13
C VAL A 98 -0.96 16.79 -7.84
N LEU A 99 -0.91 18.00 -7.30
CA LEU A 99 -1.44 18.26 -5.97
C LEU A 99 -2.86 18.76 -6.04
N ASN A 100 -3.69 18.16 -5.20
CA ASN A 100 -5.11 18.44 -5.19
C ASN A 100 -5.63 18.20 -3.79
N SER A 101 -5.47 19.20 -2.94
CA SER A 101 -5.89 19.10 -1.55
C SER A 101 -6.46 20.42 -1.08
N THR A 102 -6.97 20.46 0.14
CA THR A 102 -7.59 21.67 0.68
C THR A 102 -6.64 22.85 0.79
N HIS A 103 -5.34 22.59 0.79
CA HIS A 103 -4.35 23.66 0.94
CA HIS A 103 -4.35 23.65 0.95
C HIS A 103 -3.42 23.79 -0.26
N HIS A 104 -3.30 22.73 -1.06
CA HIS A 104 -2.39 22.77 -2.22
C HIS A 104 -3.08 22.38 -3.53
N GLN A 105 -3.07 23.31 -4.50
CA GLN A 105 -3.68 23.07 -5.82
C GLN A 105 -2.74 23.48 -6.95
N GLY A 106 -2.12 22.52 -7.61
CA GLY A 106 -1.14 22.81 -8.67
C GLY A 106 -0.30 21.60 -9.02
N THR A 107 0.70 21.79 -9.87
CA THR A 107 1.61 20.68 -10.19
C THR A 107 3.05 21.15 -10.01
N ILE A 108 3.92 20.21 -9.66
CA ILE A 108 5.35 20.48 -9.58
C ILE A 108 6.05 19.37 -10.34
N THR A 109 6.92 19.74 -11.26
CA THR A 109 7.59 18.76 -12.10
C THR A 109 9.09 18.75 -11.82
N PHE A 110 9.66 17.54 -11.85
CA PHE A 110 11.08 17.35 -11.55
C PHE A 110 11.68 16.48 -12.65
N ALA A 111 12.94 16.70 -13.00
CA ALA A 111 13.58 15.85 -14.01
C ALA A 111 15.09 15.78 -13.82
N GLY A 112 15.69 14.64 -14.12
CA GLY A 112 17.13 14.55 -14.07
C GLY A 112 17.63 13.18 -13.68
N ALA A 113 18.94 13.00 -13.79
CA ALA A 113 19.59 11.78 -13.30
C ALA A 113 20.51 12.12 -12.14
N ASP A 114 20.51 11.25 -11.13
CA ASP A 114 21.43 11.34 -9.99
C ASP A 114 21.58 9.89 -9.49
N PRO A 115 22.82 9.37 -9.45
CA PRO A 115 23.11 7.93 -9.52
C PRO A 115 22.26 7.06 -8.58
N ALA A 118 23.19 5.82 -1.70
CA ALA A 118 23.16 6.92 -0.75
C ALA A 118 21.81 7.04 -0.05
N LYS A 119 20.80 6.36 -0.59
CA LYS A 119 19.39 6.43 -0.15
C LYS A 119 18.85 7.86 -0.10
N THR A 120 19.61 8.80 -0.65
CA THR A 120 19.19 10.20 -0.72
C THR A 120 19.84 10.88 -1.93
N ARG A 121 19.05 11.61 -2.70
CA ARG A 121 19.55 12.37 -3.86
C ARG A 121 18.79 13.69 -3.99
N ASP A 122 19.40 14.65 -4.71
CA ASP A 122 18.73 15.90 -5.05
C ASP A 122 18.20 15.84 -6.50
N ILE A 123 17.10 16.54 -6.76
CA ILE A 123 16.60 16.64 -8.14
C ILE A 123 16.08 18.06 -8.35
N SER A 124 16.26 18.60 -9.54
CA SER A 124 15.87 19.99 -9.78
C SER A 124 14.37 20.08 -9.99
N VAL A 125 13.75 21.13 -9.46
CA VAL A 125 12.42 21.50 -9.91
C VAL A 125 12.63 21.93 -11.36
N THR A 126 11.78 21.47 -12.28
CA THR A 126 11.94 21.94 -13.64
C THR A 126 10.68 22.68 -14.13
N GLY A 127 9.57 22.54 -13.42
CA GLY A 127 8.33 23.14 -13.87
C GLY A 127 7.30 23.28 -12.76
N GLY A 128 6.34 24.18 -12.94
CA GLY A 128 5.33 24.42 -11.94
C GLY A 128 4.06 24.97 -12.58
N THR A 129 2.91 24.58 -12.04
CA THR A 129 1.62 25.15 -12.46
C THR A 129 0.70 25.41 -11.26
N GLY A 130 -0.36 26.19 -11.49
CA GLY A 130 -1.34 26.45 -10.46
C GLY A 130 -0.71 27.22 -9.31
N ASP A 131 -0.90 26.74 -8.08
CA ASP A 131 -0.25 27.31 -6.90
C ASP A 131 1.28 27.37 -7.05
N PHE A 132 1.86 26.54 -7.92
CA PHE A 132 3.32 26.49 -8.05
C PHE A 132 3.85 27.05 -9.35
N PHE A 133 2.95 27.70 -10.07
CA PHE A 133 3.26 28.62 -11.14
C PHE A 133 4.58 29.39 -10.88
N MET A 134 5.50 29.32 -11.84
CA MET A 134 6.78 30.03 -11.83
C MET A 134 7.68 29.71 -10.60
N HIS A 135 7.37 28.64 -9.88
CA HIS A 135 8.22 28.28 -8.74
C HIS A 135 9.50 27.57 -9.21
N ARG A 136 10.58 27.74 -8.46
CA ARG A 136 11.85 27.07 -8.78
C ARG A 136 12.57 26.66 -7.52
N GLY A 137 13.42 25.64 -7.65
CA GLY A 137 14.21 25.22 -6.52
C GLY A 137 14.73 23.79 -6.72
N ILE A 138 14.86 23.06 -5.62
CA ILE A 138 15.34 21.68 -5.67
C ILE A 138 14.52 20.84 -4.72
N ALA A 139 14.59 19.52 -4.90
CA ALA A 139 14.00 18.61 -3.92
C ALA A 139 15.03 17.59 -3.49
N THR A 140 15.01 17.27 -2.20
CA THR A 140 15.79 16.18 -1.69
C THR A 140 14.89 14.97 -1.56
N ILE A 141 15.31 13.86 -2.16
CA ILE A 141 14.50 12.65 -2.15
C ILE A 141 15.16 11.60 -1.30
N THR A 142 14.46 11.16 -0.26
CA THR A 142 14.97 10.09 0.60
C THR A 142 14.10 8.85 0.40
N THR A 143 14.75 7.70 0.21
CA THR A 143 14.01 6.49 -0.14
C THR A 143 14.08 5.44 0.96
N ASP A 144 12.92 5.08 1.48
CA ASP A 144 12.80 3.93 2.39
C ASP A 144 12.43 2.70 1.59
N ALA A 145 13.37 1.77 1.47
CA ALA A 145 13.14 0.54 0.70
C ALA A 145 12.80 -0.62 1.63
N PHE A 146 11.76 -1.36 1.27
CA PHE A 146 11.29 -2.46 2.11
C PHE A 146 11.43 -3.79 1.40
N GLU A 149 9.61 -6.88 0.20
CA GLU A 149 8.46 -6.32 -0.51
C GLU A 149 8.92 -5.52 -1.72
N ALA A 150 7.95 -5.12 -2.54
CA ALA A 150 8.23 -4.25 -3.67
C ALA A 150 7.86 -2.82 -3.30
N TYR A 151 7.76 -2.57 -2.00
CA TYR A 151 7.29 -1.29 -1.49
C TYR A 151 8.41 -0.27 -1.23
N PHE A 152 8.32 0.87 -1.91
CA PHE A 152 9.23 2.01 -1.71
C PHE A 152 8.48 3.27 -1.29
N ARG A 153 8.83 3.81 -0.13
CA ARG A 153 8.32 5.12 0.27
C ARG A 153 9.41 6.17 0.04
N LEU A 154 9.05 7.22 -0.68
CA LEU A 154 9.99 8.30 -0.99
C LEU A 154 9.63 9.58 -0.25
N GLY A 155 10.53 10.05 0.61
CA GLY A 155 10.35 11.32 1.27
C GLY A 155 10.86 12.40 0.34
N VAL A 156 10.01 13.36 0.00
CA VAL A 156 10.39 14.44 -0.92
C VAL A 156 10.32 15.80 -0.21
N TYR A 157 11.48 16.42 -0.04
CA TYR A 157 11.61 17.67 0.71
C TYR A 157 11.92 18.76 -0.30
N ILE A 158 10.91 19.57 -0.58
CA ILE A 158 11.00 20.60 -1.60
C ILE A 158 11.42 21.91 -0.98
N LYS A 159 12.49 22.48 -1.51
CA LYS A 159 12.92 23.81 -1.09
C LYS A 159 12.82 24.71 -2.31
N PHE A 160 11.85 25.62 -2.30
CA PHE A 160 11.71 26.58 -3.40
C PHE A 160 12.54 27.82 -3.08
N PHE A 161 13.26 28.33 -4.06
CA PHE A 161 14.05 29.54 -3.88
C PHE A 161 13.54 30.68 -4.75
N GLU A 162 12.50 30.38 -5.51
CA GLU A 162 11.73 31.41 -6.19
C GLU A 162 10.25 31.05 -6.06
N CYS A 163 9.48 31.97 -5.49
CA CYS A 163 8.07 31.75 -5.21
C CYS A 163 7.19 32.87 -5.76
N TRP A 164 6.09 32.51 -6.42
CA TRP A 164 5.12 33.49 -6.89
C TRP A 164 3.77 33.28 -6.21
N TYR B 8 -9.20 -35.59 8.51
CA TYR B 8 -9.92 -35.47 7.25
C TYR B 8 -9.11 -34.66 6.23
N LYS B 9 -9.37 -34.90 4.95
CA LYS B 9 -8.72 -34.18 3.85
C LYS B 9 -9.69 -33.19 3.19
N PRO B 10 -9.29 -31.92 3.08
CA PRO B 10 -10.17 -30.88 2.53
C PRO B 10 -10.53 -31.15 1.07
N CYS B 11 -11.74 -30.80 0.65
CA CYS B 11 -12.11 -30.97 -0.75
C CYS B 11 -11.63 -29.79 -1.61
N LYS B 12 -11.14 -28.75 -0.94
CA LYS B 12 -10.66 -27.57 -1.65
C LYS B 12 -9.73 -26.83 -0.71
N ASN B 13 -8.60 -26.36 -1.23
CA ASN B 13 -7.57 -25.62 -0.50
C ASN B 13 -7.31 -24.27 -1.17
N LEU B 14 -7.32 -23.20 -0.40
CA LEU B 14 -7.01 -21.90 -0.96
C LEU B 14 -6.16 -21.07 0.00
N VAL B 15 -5.16 -20.37 -0.55
CA VAL B 15 -4.33 -19.48 0.24
C VAL B 15 -4.41 -18.07 -0.35
N PHE B 16 -4.78 -17.11 0.49
CA PHE B 16 -4.76 -15.70 0.10
C PHE B 16 -4.06 -14.89 1.18
N TYR B 17 -3.68 -13.66 0.82
CA TYR B 17 -3.13 -12.71 1.76
C TYR B 17 -3.95 -11.43 1.70
N PHE B 18 -4.19 -10.78 2.82
CA PHE B 18 -4.74 -9.44 2.73
C PHE B 18 -3.94 -8.50 3.65
N HIS B 19 -3.96 -7.22 3.31
CA HIS B 19 -3.01 -6.27 3.87
C HIS B 19 -3.73 -5.14 4.60
N ASP B 20 -3.35 -4.92 5.86
CA ASP B 20 -4.12 -4.03 6.73
C ASP B 20 -3.23 -2.94 7.33
N ILE B 21 -3.70 -1.71 7.25
CA ILE B 21 -2.99 -0.57 7.84
C ILE B 21 -3.86 0.17 8.87
N LEU B 22 -3.29 0.41 10.05
CA LEU B 22 -3.95 1.08 11.19
C LEU B 22 -4.94 0.17 11.87
N LYS B 46 -9.85 -18.13 36.28
CA LYS B 46 -8.60 -17.40 36.47
C LYS B 46 -8.81 -15.89 36.38
N LEU B 47 -9.03 -15.38 35.17
CA LEU B 47 -9.39 -13.99 35.04
C LEU B 47 -10.86 -13.82 35.44
N ALA B 48 -11.15 -12.76 36.18
CA ALA B 48 -12.52 -12.44 36.56
C ALA B 48 -13.34 -12.11 35.30
N PRO B 49 -14.68 -12.08 35.42
CA PRO B 49 -15.48 -11.65 34.26
C PRO B 49 -15.12 -10.24 33.85
N GLN B 50 -14.99 -9.97 32.56
CA GLN B 50 -14.55 -8.66 32.09
C GLN B 50 -15.50 -8.13 31.02
N SER B 51 -15.96 -6.88 31.17
CA SER B 51 -16.73 -6.28 30.08
C SER B 51 -16.59 -4.75 30.04
N HIS B 52 -16.36 -4.24 28.85
CA HIS B 52 -16.17 -2.80 28.67
C HIS B 52 -16.89 -2.35 27.42
N PHE B 53 -17.02 -1.04 27.26
CA PHE B 53 -17.49 -0.51 25.99
C PHE B 53 -16.45 -0.79 24.92
N GLY B 54 -16.92 -1.08 23.71
CA GLY B 54 -16.05 -1.38 22.60
C GLY B 54 -16.10 -0.29 21.54
N ASN B 55 -15.02 -0.19 20.78
CA ASN B 55 -15.03 0.64 19.59
C ASN B 55 -14.83 -0.26 18.39
N ILE B 56 -15.44 0.10 17.27
CA ILE B 56 -15.38 -0.77 16.13
C ILE B 56 -14.50 -0.13 15.08
N ILE B 57 -13.61 -0.94 14.51
CA ILE B 57 -12.81 -0.53 13.38
C ILE B 57 -13.28 -1.32 12.16
N VAL B 58 -13.72 -0.63 11.12
CA VAL B 58 -14.08 -1.28 9.87
C VAL B 58 -12.91 -1.20 8.90
N PHE B 59 -12.71 -2.25 8.10
CA PHE B 59 -11.60 -2.28 7.17
C PHE B 59 -12.04 -2.81 5.80
N ASP B 60 -11.34 -2.37 4.76
CA ASP B 60 -11.59 -2.81 3.40
C ASP B 60 -10.22 -2.92 2.75
N ASP B 61 -9.68 -4.14 2.72
CA ASP B 61 -8.27 -4.35 2.40
C ASP B 61 -8.09 -5.18 1.14
N PRO B 62 -6.99 -4.92 0.40
CA PRO B 62 -6.79 -5.70 -0.82
C PRO B 62 -6.40 -7.14 -0.49
N ILE B 63 -6.94 -8.09 -1.27
CA ILE B 63 -6.54 -9.50 -1.20
C ILE B 63 -5.60 -9.85 -2.37
N THR B 64 -4.42 -10.37 -2.05
CA THR B 64 -3.45 -10.77 -3.06
C THR B 64 -3.18 -12.28 -3.05
N LEU B 65 -2.55 -12.77 -4.12
CA LEU B 65 -2.23 -14.19 -4.22
C LEU B 65 -0.91 -14.55 -3.52
N SER B 66 0.03 -13.61 -3.51
CA SER B 66 1.28 -13.80 -2.77
C SER B 66 1.35 -12.80 -1.64
N HIS B 67 2.42 -12.84 -0.86
CA HIS B 67 2.52 -11.98 0.31
C HIS B 67 2.96 -10.57 -0.08
N SER B 68 3.49 -10.43 -1.28
CA SER B 68 3.86 -9.13 -1.80
C SER B 68 2.63 -8.37 -2.29
N LEU B 69 2.51 -7.10 -1.88
CA LEU B 69 1.39 -6.27 -2.32
C LEU B 69 1.47 -6.03 -3.82
N SER B 70 2.66 -6.24 -4.37
CA SER B 70 2.87 -6.11 -5.81
C SER B 70 2.16 -7.20 -6.59
N SER B 71 1.77 -8.27 -5.92
CA SER B 71 1.18 -9.40 -6.62
C SER B 71 -0.27 -9.11 -7.01
N LYS B 72 -0.83 -10.01 -7.80
CA LYS B 72 -2.20 -9.90 -8.32
C LYS B 72 -3.24 -9.75 -7.22
N GLN B 73 -3.98 -8.64 -7.25
CA GLN B 73 -5.14 -8.48 -6.36
C GLN B 73 -6.34 -9.23 -6.94
N VAL B 74 -7.00 -10.00 -6.09
CA VAL B 74 -8.09 -10.86 -6.51
C VAL B 74 -9.41 -10.60 -5.77
N GLY B 75 -9.38 -9.71 -4.78
CA GLY B 75 -10.59 -9.27 -4.11
C GLY B 75 -10.36 -8.23 -3.03
N ARG B 76 -11.39 -8.02 -2.21
CA ARG B 76 -11.31 -7.15 -1.03
C ARG B 76 -11.72 -7.94 0.21
N ALA B 77 -10.95 -7.77 1.29
CA ALA B 77 -11.32 -8.29 2.60
C ALA B 77 -12.02 -7.19 3.38
N GLN B 78 -13.26 -7.43 3.75
CA GLN B 78 -14.14 -6.39 4.27
C GLN B 78 -14.82 -6.88 5.54
N GLY B 79 -14.68 -6.14 6.63
CA GLY B 79 -15.22 -6.62 7.89
C GLY B 79 -14.90 -5.66 9.02
N PHE B 80 -14.87 -6.17 10.24
CA PHE B 80 -14.63 -5.28 11.38
C PHE B 80 -13.96 -6.05 12.48
N TYR B 81 -13.31 -5.33 13.40
CA TYR B 81 -12.89 -5.91 14.67
C TYR B 81 -13.13 -4.84 15.71
N ILE B 82 -12.94 -5.21 16.97
CA ILE B 82 -13.21 -4.33 18.08
C ILE B 82 -11.97 -4.05 18.94
N TYR B 83 -11.79 -2.79 19.34
CA TYR B 83 -10.73 -2.42 20.27
C TYR B 83 -11.35 -2.09 21.63
N ASP B 84 -10.71 -2.56 22.71
CA ASP B 84 -11.23 -2.39 24.07
C ASP B 84 -10.78 -1.07 24.65
N TYR B 89 -5.90 -6.49 22.59
CA TYR B 89 -7.15 -5.75 22.45
C TYR B 89 -7.59 -5.68 20.99
N THR B 90 -8.76 -6.22 20.66
CA THR B 90 -9.30 -7.42 21.31
C THR B 90 -9.26 -8.47 20.21
N SER B 91 -9.94 -9.58 20.43
CA SER B 91 -10.25 -10.39 19.27
C SER B 91 -11.69 -10.04 18.89
N TRP B 92 -12.53 -11.05 18.71
CA TRP B 92 -13.65 -10.97 17.80
C TRP B 92 -13.26 -10.37 16.48
N LEU B 93 -13.39 -11.20 15.45
CA LEU B 93 -13.16 -10.78 14.11
C LEU B 93 -14.36 -11.23 13.30
N SER B 94 -14.89 -10.34 12.47
CA SER B 94 -15.82 -10.78 11.44
C SER B 94 -15.35 -10.21 10.13
N PHE B 95 -15.28 -11.03 9.08
CA PHE B 95 -14.95 -10.44 7.79
C PHE B 95 -15.33 -11.35 6.64
N THR B 96 -15.38 -10.76 5.45
CA THR B 96 -15.78 -11.46 4.23
C THR B 96 -14.71 -11.26 3.17
N PHE B 97 -14.23 -12.34 2.57
CA PHE B 97 -13.45 -12.24 1.35
C PHE B 97 -14.40 -12.06 0.19
N VAL B 98 -14.38 -10.89 -0.44
CA VAL B 98 -15.17 -10.63 -1.64
C VAL B 98 -14.27 -10.81 -2.84
N LEU B 99 -14.37 -11.98 -3.48
CA LEU B 99 -13.43 -12.35 -4.53
C LEU B 99 -14.00 -12.07 -5.91
N ASN B 100 -13.16 -11.49 -6.77
CA ASN B 100 -13.56 -11.22 -8.13
C ASN B 100 -12.31 -11.19 -9.01
N SER B 101 -11.87 -12.38 -9.39
CA SER B 101 -10.71 -12.55 -10.25
C SER B 101 -11.05 -13.47 -11.40
N THR B 102 -10.03 -13.83 -12.17
CA THR B 102 -10.20 -14.67 -13.33
C THR B 102 -10.62 -16.10 -12.93
N HIS B 103 -10.27 -16.51 -11.72
CA HIS B 103 -10.52 -17.88 -11.29
C HIS B 103 -11.57 -18.02 -10.20
N HIS B 104 -11.80 -16.95 -9.43
CA HIS B 104 -12.73 -17.00 -8.30
C HIS B 104 -13.78 -15.89 -8.33
N GLN B 105 -15.04 -16.29 -8.16
CA GLN B 105 -16.15 -15.34 -8.10
C GLN B 105 -17.13 -15.70 -6.98
N GLY B 106 -17.11 -14.96 -5.88
CA GLY B 106 -18.00 -15.26 -4.76
C GLY B 106 -17.55 -14.57 -3.47
N THR B 107 -18.18 -14.92 -2.35
CA THR B 107 -17.72 -14.40 -1.06
C THR B 107 -17.56 -15.53 -0.05
N ILE B 108 -16.67 -15.32 0.91
CA ILE B 108 -16.43 -16.25 1.99
C ILE B 108 -16.40 -15.47 3.28
N THR B 109 -17.22 -15.87 4.24
CA THR B 109 -17.36 -15.08 5.47
C THR B 109 -16.89 -15.92 6.66
N PHE B 110 -16.17 -15.25 7.56
CA PHE B 110 -15.60 -15.86 8.76
C PHE B 110 -15.97 -15.04 9.99
N ALA B 111 -16.19 -15.69 11.12
CA ALA B 111 -16.49 -14.96 12.35
C ALA B 111 -16.06 -15.73 13.57
N GLY B 112 -15.60 -15.02 14.60
CA GLY B 112 -15.25 -15.71 15.82
C GLY B 112 -14.13 -15.01 16.59
N ALA B 113 -13.90 -15.51 17.78
CA ALA B 113 -12.77 -15.08 18.63
C ALA B 113 -11.79 -16.25 18.79
N ASP B 114 -10.52 -15.98 19.07
CA ASP B 114 -9.60 -17.08 19.38
C ASP B 114 -8.55 -16.68 20.48
N PRO B 115 -7.35 -16.13 20.14
CA PRO B 115 -6.70 -15.76 21.41
C PRO B 115 -7.31 -14.51 22.05
N ALA B 118 0.57 -16.50 19.40
CA ALA B 118 1.14 -17.53 18.56
C ALA B 118 1.47 -16.98 17.20
N LYS B 119 0.89 -15.84 16.89
CA LYS B 119 0.99 -15.30 15.56
C LYS B 119 0.13 -16.09 14.58
N THR B 120 -0.59 -17.09 15.06
CA THR B 120 -1.48 -17.86 14.22
C THR B 120 -2.74 -18.29 14.98
N ARG B 121 -3.88 -18.27 14.31
CA ARG B 121 -5.13 -18.70 14.90
C ARG B 121 -5.98 -19.37 13.83
N ASP B 122 -6.91 -20.21 14.26
CA ASP B 122 -7.93 -20.76 13.37
C ASP B 122 -9.17 -19.89 13.45
N ILE B 123 -9.98 -19.90 12.39
CA ILE B 123 -11.28 -19.26 12.46
C ILE B 123 -12.24 -19.99 11.55
N SER B 124 -13.50 -20.08 11.97
CA SER B 124 -14.46 -20.87 11.21
C SER B 124 -14.97 -20.11 10.00
N VAL B 125 -15.13 -20.80 8.89
CA VAL B 125 -15.97 -20.30 7.81
C VAL B 125 -17.41 -20.26 8.36
N THR B 126 -18.15 -19.18 8.14
CA THR B 126 -19.54 -19.15 8.61
C THR B 126 -20.53 -18.95 7.47
N GLY B 127 -20.07 -18.54 6.30
CA GLY B 127 -20.97 -18.33 5.17
C GLY B 127 -20.24 -18.26 3.84
N GLY B 128 -20.98 -18.43 2.75
CA GLY B 128 -20.41 -18.39 1.42
C GLY B 128 -21.46 -18.06 0.37
N THR B 129 -21.05 -17.37 -0.70
CA THR B 129 -21.92 -17.08 -1.85
C THR B 129 -21.15 -17.23 -3.17
N GLY B 130 -21.86 -17.24 -4.30
CA GLY B 130 -21.22 -17.33 -5.60
C GLY B 130 -20.51 -18.67 -5.72
N ASP B 131 -19.25 -18.65 -6.13
CA ASP B 131 -18.46 -19.88 -6.22
C ASP B 131 -18.35 -20.63 -4.88
N PHE B 132 -18.57 -19.95 -3.76
CA PHE B 132 -18.38 -20.60 -2.45
C PHE B 132 -19.70 -20.83 -1.72
N PHE B 133 -20.77 -20.68 -2.48
CA PHE B 133 -22.10 -21.08 -2.08
C PHE B 133 -22.06 -22.46 -1.36
N MET B 134 -22.63 -22.50 -0.14
CA MET B 134 -22.73 -23.70 0.69
C MET B 134 -21.38 -24.32 1.13
N HIS B 135 -20.28 -23.59 0.97
CA HIS B 135 -18.97 -24.13 1.37
C HIS B 135 -18.80 -24.06 2.89
N ARG B 136 -18.07 -25.01 3.47
CA ARG B 136 -17.79 -24.96 4.90
C ARG B 136 -16.40 -25.44 5.20
N GLY B 137 -15.85 -24.96 6.31
CA GLY B 137 -14.56 -25.42 6.76
C GLY B 137 -13.96 -24.42 7.73
N ILE B 138 -12.64 -24.28 7.65
CA ILE B 138 -11.91 -23.41 8.56
C ILE B 138 -10.83 -22.67 7.79
N ALA B 139 -10.37 -21.56 8.37
CA ALA B 139 -9.18 -20.88 7.85
C ALA B 139 -8.13 -20.76 8.95
N THR B 140 -6.87 -20.90 8.55
CA THR B 140 -5.76 -20.63 9.44
C THR B 140 -5.17 -19.28 9.07
N ILE B 141 -5.08 -18.39 10.06
CA ILE B 141 -4.61 -17.04 9.85
C ILE B 141 -3.23 -16.82 10.46
N THR B 142 -2.28 -16.42 9.64
CA THR B 142 -0.96 -16.08 10.13
C THR B 142 -0.74 -14.59 9.97
N THR B 143 -0.44 -13.91 11.07
CA THR B 143 -0.28 -12.47 11.08
C THR B 143 1.19 -12.10 11.13
N ASP B 144 1.65 -11.34 10.14
CA ASP B 144 2.98 -10.75 10.16
C ASP B 144 2.85 -9.26 10.46
N ALA B 145 3.28 -8.86 11.66
CA ALA B 145 3.17 -7.47 12.08
C ALA B 145 4.40 -6.69 11.69
N PHE B 146 4.23 -5.39 11.46
CA PHE B 146 5.36 -4.54 11.06
C PHE B 146 5.29 -3.17 11.73
N GLY B 148 5.57 -0.60 13.40
CA GLY B 148 6.33 0.57 13.02
C GLY B 148 5.65 1.28 11.88
N GLU B 149 5.56 0.57 10.76
CA GLU B 149 4.61 0.91 9.71
C GLU B 149 3.34 0.23 10.14
N ALA B 150 2.24 0.97 10.26
CA ALA B 150 1.00 0.41 10.82
C ALA B 150 0.45 -0.79 10.05
N TYR B 151 1.33 -1.70 9.65
CA TYR B 151 1.07 -2.66 8.59
C TYR B 151 0.96 -4.11 9.10
N PHE B 152 -0.16 -4.74 8.81
CA PHE B 152 -0.36 -6.13 9.17
C PHE B 152 -0.68 -6.96 7.95
N ARG B 153 0.18 -7.92 7.65
CA ARG B 153 -0.08 -8.82 6.54
C ARG B 153 -0.62 -10.15 7.06
N LEU B 154 -1.83 -10.48 6.64
CA LEU B 154 -2.49 -11.68 7.12
C LEU B 154 -2.50 -12.73 6.03
N GLY B 155 -1.81 -13.84 6.29
CA GLY B 155 -1.90 -14.99 5.41
C GLY B 155 -3.06 -15.84 5.88
N VAL B 156 -4.00 -16.09 4.98
CA VAL B 156 -5.20 -16.86 5.33
C VAL B 156 -5.25 -18.16 4.52
N TYR B 157 -5.11 -19.28 5.22
CA TYR B 157 -5.11 -20.60 4.57
C TYR B 157 -6.44 -21.29 4.82
N ILE B 158 -7.25 -21.37 3.77
CA ILE B 158 -8.61 -21.88 3.86
C ILE B 158 -8.67 -23.35 3.46
N LYS B 159 -9.20 -24.16 4.36
CA LYS B 159 -9.44 -25.59 4.11
C LYS B 159 -10.94 -25.81 4.10
N PHE B 160 -11.54 -26.03 2.93
CA PHE B 160 -12.97 -26.34 2.88
C PHE B 160 -13.16 -27.84 3.03
N PHE B 161 -14.13 -28.23 3.86
CA PHE B 161 -14.43 -29.63 4.02
C PHE B 161 -15.83 -29.99 3.52
N GLU B 162 -16.55 -28.99 3.03
CA GLU B 162 -17.78 -29.20 2.27
C GLU B 162 -17.75 -28.26 1.06
N CYS B 163 -17.87 -28.83 -0.15
CA CYS B 163 -17.76 -28.05 -1.37
C CYS B 163 -18.91 -28.34 -2.33
N TRP B 164 -19.47 -27.27 -2.91
CA TRP B 164 -20.54 -27.38 -3.88
C TRP B 164 -20.14 -26.76 -5.22
#